data_3F2O
#
_entry.id   3F2O
#
_cell.length_a   75.665
_cell.length_b   80.654
_cell.length_c   86.864
_cell.angle_alpha   90.00
_cell.angle_beta   90.00
_cell.angle_gamma   90.00
#
_symmetry.space_group_name_H-M   'P 21 21 21'
#
loop_
_entity.id
_entity.type
_entity.pdbx_description
1 polymer 'SPRY domain-containing SOCS box protein 1'
2 polymer '20-mer peptide from ATP-dependent RNA helicase vasa'
3 water water
#
loop_
_entity_poly.entity_id
_entity_poly.type
_entity_poly.pdbx_seq_one_letter_code
_entity_poly.pdbx_strand_id
1 'polypeptide(L)'
;MHHHHHHSSGVDLGTENLYFQSMQELQGLDYCKPTRLDLLLDMPPVSYDVQLLHSWNNNDRSLNVFVKEDDKLIFHRHPV
AQSTDAIRGKVGYTRGLHVWQITWAMRQRGTHAVVGVATADAPLHSVGYTTLVGNNHESWGWDLGRNRLYHDGKNQPSKT
YPAFLEPDETFIVPDSFLVALDMDDGTLSFIVDGQYMGVAFRGLKGKKLYPVVSAVWGHCEIRMRYLNGLDPE
;
A,B
2 'polypeptide(L)' DINNNNNIVEDVERKREFYI C,D
#
# COMPACT_ATOMS: atom_id res chain seq x y z
N TYR A 31 8.04 8.18 -33.68
CA TYR A 31 7.45 8.55 -32.35
C TYR A 31 6.06 9.24 -32.46
N CYS A 32 5.45 9.15 -33.65
CA CYS A 32 4.09 9.64 -33.90
C CYS A 32 3.04 8.52 -33.72
N LYS A 33 1.98 8.81 -32.96
CA LYS A 33 0.94 7.84 -32.71
C LYS A 33 0.35 7.33 -34.05
N PRO A 34 0.24 5.99 -34.22
CA PRO A 34 -0.61 5.46 -35.32
C PRO A 34 -2.06 6.02 -35.30
N THR A 35 -2.69 6.16 -36.46
CA THR A 35 -4.04 6.73 -36.53
C THR A 35 -5.01 5.90 -35.67
N ARG A 36 -4.95 4.58 -35.81
CA ARG A 36 -5.83 3.69 -35.04
C ARG A 36 -5.69 3.90 -33.54
N LEU A 37 -4.47 4.16 -33.10
CA LEU A 37 -4.25 4.45 -31.70
C LEU A 37 -4.82 5.81 -31.27
N ASP A 38 -4.65 6.80 -32.13
CA ASP A 38 -5.20 8.13 -31.90
C ASP A 38 -6.71 8.04 -31.77
N LEU A 39 -7.32 7.20 -32.59
CA LEU A 39 -8.76 7.02 -32.57
C LEU A 39 -9.20 6.42 -31.24
N LEU A 40 -8.51 5.36 -30.83
CA LEU A 40 -8.84 4.64 -29.60
C LEU A 40 -8.71 5.59 -28.41
N LEU A 41 -7.62 6.35 -28.39
CA LEU A 41 -7.28 7.21 -27.24
C LEU A 41 -8.27 8.38 -27.11
N ASP A 42 -8.89 8.73 -28.23
CA ASP A 42 -9.93 9.71 -28.26
C ASP A 42 -11.25 9.21 -27.68
N MET A 43 -11.53 7.91 -27.78
CA MET A 43 -12.81 7.35 -27.34
C MET A 43 -12.98 7.53 -25.83
N PRO A 44 -14.22 7.73 -25.37
CA PRO A 44 -14.37 7.71 -23.90
C PRO A 44 -14.00 6.34 -23.30
N PRO A 45 -13.32 6.33 -22.15
CA PRO A 45 -12.88 5.04 -21.58
C PRO A 45 -14.05 4.17 -21.05
N VAL A 46 -13.85 2.85 -20.96
CA VAL A 46 -14.92 1.93 -20.63
C VAL A 46 -15.22 2.08 -19.14
N SER A 47 -16.45 1.67 -18.78
CA SER A 47 -16.98 1.70 -17.41
C SER A 47 -16.16 0.84 -16.47
N TYR A 48 -16.23 1.11 -15.18
CA TYR A 48 -15.62 0.24 -14.17
C TYR A 48 -16.05 -1.22 -14.33
N ASP A 49 -17.34 -1.47 -14.61
CA ASP A 49 -17.80 -2.86 -14.80
C ASP A 49 -16.96 -3.58 -15.86
N VAL A 50 -16.66 -2.89 -16.96
CA VAL A 50 -15.88 -3.46 -18.04
C VAL A 50 -14.40 -3.56 -17.61
N GLN A 51 -13.89 -2.54 -16.89
CA GLN A 51 -12.54 -2.56 -16.33
C GLN A 51 -12.31 -3.83 -15.51
N LEU A 52 -13.32 -4.22 -14.74
CA LEU A 52 -13.23 -5.40 -13.93
C LEU A 52 -13.04 -6.68 -14.76
N LEU A 53 -13.56 -6.72 -15.98
CA LEU A 53 -13.40 -7.89 -16.83
C LEU A 53 -11.96 -8.12 -17.29
N HIS A 54 -11.16 -7.05 -17.27
CA HIS A 54 -9.79 -7.07 -17.78
C HIS A 54 -8.78 -6.89 -16.66
N SER A 55 -9.25 -6.80 -15.42
CA SER A 55 -8.37 -6.47 -14.30
C SER A 55 -7.45 -7.64 -13.88
N TRP A 56 -6.67 -7.42 -12.81
CA TRP A 56 -5.73 -8.41 -12.36
C TRP A 56 -6.51 -9.68 -11.99
N ASN A 57 -5.99 -10.84 -12.38
CA ASN A 57 -6.61 -12.14 -12.06
C ASN A 57 -6.02 -12.75 -10.77
N ASN A 58 -6.81 -12.80 -9.71
CA ASN A 58 -6.38 -13.40 -8.45
C ASN A 58 -6.28 -14.95 -8.60
N ASN A 59 -6.74 -15.51 -9.72
CA ASN A 59 -6.49 -16.93 -9.96
C ASN A 59 -5.36 -17.17 -10.93
N ASP A 60 -4.51 -16.16 -11.13
CA ASP A 60 -3.35 -16.24 -12.08
C ASP A 60 -2.27 -15.28 -11.59
N ARG A 61 -1.69 -15.66 -10.46
CA ARG A 61 -0.73 -14.80 -9.73
C ARG A 61 0.33 -15.59 -9.00
N SER A 62 1.41 -14.92 -8.65
CA SER A 62 2.23 -15.40 -7.52
C SER A 62 1.37 -15.36 -6.26
N LEU A 63 1.51 -16.33 -5.36
CA LEU A 63 0.75 -16.29 -4.10
C LEU A 63 1.39 -15.28 -3.11
N ASN A 64 2.48 -14.62 -3.50
CA ASN A 64 3.00 -13.54 -2.69
C ASN A 64 2.38 -12.16 -3.02
N VAL A 65 1.37 -12.17 -3.89
CA VAL A 65 0.54 -10.97 -4.11
C VAL A 65 -0.93 -11.36 -3.98
N PHE A 66 -1.80 -10.38 -3.83
CA PHE A 66 -3.23 -10.64 -3.91
C PHE A 66 -3.99 -9.45 -4.47
N VAL A 67 -5.09 -9.71 -5.17
CA VAL A 67 -6.01 -8.66 -5.55
C VAL A 67 -6.75 -8.13 -4.34
N LYS A 68 -6.72 -6.80 -4.16
CA LYS A 68 -7.42 -6.17 -3.07
C LYS A 68 -8.93 -6.27 -3.23
N GLU A 69 -9.58 -6.87 -2.22
CA GLU A 69 -11.03 -7.12 -2.19
C GLU A 69 -11.87 -5.89 -2.37
N ASP A 70 -11.46 -4.84 -1.68
CA ASP A 70 -12.12 -3.54 -1.70
C ASP A 70 -11.66 -2.65 -2.85
N ASP A 71 -10.78 -3.13 -3.73
CA ASP A 71 -10.23 -2.27 -4.77
C ASP A 71 -9.61 -3.13 -5.88
N LYS A 72 -10.46 -3.73 -6.69
CA LYS A 72 -10.03 -4.92 -7.46
C LYS A 72 -9.14 -4.67 -8.65
N LEU A 73 -8.90 -3.40 -8.93
CA LEU A 73 -8.01 -2.99 -9.98
C LEU A 73 -6.57 -3.00 -9.48
N ILE A 74 -6.38 -3.16 -8.17
CA ILE A 74 -5.10 -3.01 -7.51
C ILE A 74 -4.68 -4.33 -6.87
N PHE A 75 -3.42 -4.77 -7.08
CA PHE A 75 -2.87 -5.88 -6.24
C PHE A 75 -1.86 -5.33 -5.24
N HIS A 76 -1.72 -6.07 -4.15
CA HIS A 76 -0.82 -5.77 -3.06
C HIS A 76 0.24 -6.87 -2.99
N ARG A 77 1.51 -6.51 -2.91
CA ARG A 77 2.56 -7.54 -2.78
C ARG A 77 3.00 -7.66 -1.33
N HIS A 78 2.91 -8.88 -0.80
CA HIS A 78 3.38 -9.14 0.56
C HIS A 78 4.88 -8.88 0.66
N PRO A 79 5.39 -8.46 1.83
CA PRO A 79 6.79 -8.03 1.90
C PRO A 79 7.83 -9.17 2.01
N VAL A 80 7.83 -10.08 1.04
CA VAL A 80 8.68 -11.26 1.08
C VAL A 80 10.10 -10.96 0.59
N ALA A 81 11.11 -11.29 1.40
CA ALA A 81 12.51 -11.01 1.03
C ALA A 81 12.95 -11.95 -0.08
N GLN A 82 13.84 -11.46 -0.94
CA GLN A 82 14.45 -12.23 -2.04
C GLN A 82 13.43 -12.97 -2.89
N SER A 83 12.48 -12.21 -3.42
CA SER A 83 11.39 -12.72 -4.19
C SER A 83 10.95 -11.71 -5.22
N THR A 84 10.65 -12.18 -6.43
CA THR A 84 10.13 -11.31 -7.48
C THR A 84 8.83 -11.93 -7.92
N ASP A 85 7.78 -11.13 -8.03
CA ASP A 85 6.44 -11.66 -8.17
C ASP A 85 5.60 -10.93 -9.22
N ALA A 86 4.84 -11.73 -9.97
CA ALA A 86 4.03 -11.24 -11.06
C ALA A 86 2.58 -11.73 -10.94
N ILE A 87 1.73 -11.17 -11.79
CA ILE A 87 0.31 -11.47 -11.83
C ILE A 87 -0.14 -11.03 -13.24
N ARG A 88 -1.03 -11.80 -13.85
CA ARG A 88 -1.52 -11.50 -15.22
C ARG A 88 -2.93 -10.96 -15.12
N GLY A 89 -3.34 -10.20 -16.14
CA GLY A 89 -4.68 -9.69 -16.22
C GLY A 89 -5.62 -10.82 -16.62
N LYS A 90 -6.91 -10.62 -16.45
CA LYS A 90 -7.89 -11.70 -16.68
C LYS A 90 -7.99 -12.11 -18.17
N VAL A 91 -7.66 -11.20 -19.09
CA VAL A 91 -7.86 -11.48 -20.51
C VAL A 91 -6.57 -11.53 -21.30
N GLY A 92 -6.43 -12.58 -22.09
CA GLY A 92 -5.33 -12.69 -23.00
C GLY A 92 -5.86 -12.34 -24.37
N TYR A 93 -5.25 -11.33 -24.99
CA TYR A 93 -5.68 -10.77 -26.26
C TYR A 93 -4.99 -11.54 -27.40
N THR A 94 -5.76 -11.82 -28.44
CA THR A 94 -5.28 -12.50 -29.64
C THR A 94 -5.44 -11.63 -30.88
N ARG A 95 -6.26 -10.59 -30.78
CA ARG A 95 -6.48 -9.68 -31.91
C ARG A 95 -7.01 -8.31 -31.49
N GLY A 96 -6.98 -7.36 -32.41
CA GLY A 96 -7.39 -5.97 -32.08
C GLY A 96 -6.29 -5.13 -31.42
N LEU A 97 -6.60 -3.85 -31.21
CA LEU A 97 -5.73 -2.95 -30.45
C LEU A 97 -6.30 -2.73 -29.05
N HIS A 98 -5.44 -2.81 -28.05
CA HIS A 98 -5.86 -2.74 -26.66
C HIS A 98 -4.95 -1.80 -25.90
N VAL A 99 -5.55 -0.90 -25.12
CA VAL A 99 -4.78 0.00 -24.29
C VAL A 99 -5.24 -0.09 -22.86
N TRP A 100 -4.28 -0.19 -21.94
CA TRP A 100 -4.57 -0.03 -20.52
C TRP A 100 -3.64 0.91 -19.78
N GLN A 101 -4.10 1.39 -18.63
CA GLN A 101 -3.36 2.32 -17.83
C GLN A 101 -2.78 1.59 -16.67
N ILE A 102 -1.49 1.81 -16.43
CA ILE A 102 -0.82 1.37 -15.22
C ILE A 102 -0.57 2.54 -14.27
N THR A 103 -0.76 2.35 -12.96
CA THR A 103 -0.35 3.33 -11.94
C THR A 103 0.48 2.58 -10.92
N TRP A 104 1.69 3.08 -10.74
CA TRP A 104 2.68 2.44 -9.94
C TRP A 104 3.52 3.53 -9.38
N ALA A 105 3.36 3.82 -8.09
CA ALA A 105 3.98 4.99 -7.52
C ALA A 105 5.49 4.80 -7.46
N MET A 106 6.23 5.85 -7.82
CA MET A 106 7.66 5.82 -7.93
C MET A 106 8.27 5.23 -6.69
N ARG A 107 7.76 5.64 -5.52
CA ARG A 107 8.37 5.24 -4.26
C ARG A 107 8.13 3.72 -3.94
N GLN A 108 7.31 3.04 -4.73
CA GLN A 108 7.00 1.65 -4.50
C GLN A 108 7.55 0.78 -5.62
N ARG A 109 8.58 1.25 -6.31
CA ARG A 109 9.17 0.50 -7.39
C ARG A 109 10.35 -0.37 -7.01
N GLY A 110 11.14 0.06 -6.04
CA GLY A 110 12.33 -0.74 -5.66
C GLY A 110 13.33 -0.93 -6.80
N THR A 111 14.05 -2.03 -6.79
CA THR A 111 15.17 -2.21 -7.67
C THR A 111 14.78 -2.76 -9.03
N HIS A 112 13.60 -3.39 -9.14
CA HIS A 112 13.17 -4.04 -10.38
C HIS A 112 11.65 -3.92 -10.54
N ALA A 113 11.22 -2.85 -11.21
CA ALA A 113 9.81 -2.59 -11.49
C ALA A 113 9.63 -2.78 -13.00
N VAL A 114 8.95 -3.87 -13.41
CA VAL A 114 8.85 -4.21 -14.83
C VAL A 114 7.43 -4.31 -15.30
N VAL A 115 7.14 -3.77 -16.48
CA VAL A 115 5.83 -3.71 -17.01
C VAL A 115 5.78 -4.19 -18.45
N GLY A 116 4.81 -5.06 -18.75
CA GLY A 116 4.68 -5.59 -20.10
C GLY A 116 3.51 -6.52 -20.37
N VAL A 117 3.80 -7.58 -21.13
CA VAL A 117 2.85 -8.64 -21.41
C VAL A 117 3.55 -9.99 -21.33
N ALA A 118 2.73 -11.03 -21.20
CA ALA A 118 3.22 -12.41 -21.08
C ALA A 118 2.20 -13.33 -21.70
N THR A 119 2.67 -14.46 -22.21
CA THR A 119 1.79 -15.61 -22.50
C THR A 119 1.36 -16.25 -21.17
N ALA A 120 0.41 -17.18 -21.22
CA ALA A 120 -0.03 -18.00 -20.04
C ALA A 120 1.05 -18.87 -19.42
N ASP A 121 2.10 -19.21 -20.18
CA ASP A 121 3.13 -20.08 -19.66
C ASP A 121 4.27 -19.37 -18.95
N ALA A 122 4.32 -18.04 -19.03
CA ALA A 122 5.37 -17.29 -18.33
C ALA A 122 5.32 -17.56 -16.83
N PRO A 123 6.49 -17.74 -16.19
CA PRO A 123 6.46 -17.91 -14.72
C PRO A 123 6.18 -16.59 -14.01
N LEU A 124 5.51 -16.70 -12.85
CA LEU A 124 5.01 -15.56 -12.13
C LEU A 124 5.81 -15.32 -10.85
N HIS A 125 6.91 -16.06 -10.69
CA HIS A 125 7.77 -15.87 -9.53
C HIS A 125 9.21 -16.24 -9.86
N SER A 126 10.17 -15.62 -9.18
CA SER A 126 11.55 -16.04 -9.11
C SER A 126 12.08 -15.73 -7.72
N VAL A 127 13.08 -16.48 -7.29
CA VAL A 127 13.79 -16.18 -6.07
C VAL A 127 14.71 -15.03 -6.42
N GLY A 128 15.15 -14.28 -5.45
CA GLY A 128 15.98 -13.11 -5.74
C GLY A 128 15.18 -11.99 -6.37
N TYR A 129 15.88 -10.88 -6.63
CA TYR A 129 15.29 -9.69 -7.17
C TYR A 129 15.73 -9.55 -8.62
N THR A 130 14.81 -9.67 -9.56
CA THR A 130 15.19 -9.77 -10.96
C THR A 130 14.13 -9.20 -11.88
N THR A 131 14.46 -9.16 -13.16
CA THR A 131 13.55 -8.70 -14.18
C THR A 131 12.71 -9.87 -14.69
N LEU A 132 11.83 -10.37 -13.83
CA LEU A 132 11.09 -11.59 -14.10
C LEU A 132 10.35 -11.53 -15.45
N VAL A 133 9.63 -10.43 -15.66
CA VAL A 133 8.97 -10.17 -16.91
C VAL A 133 10.03 -9.73 -17.94
N GLY A 134 10.27 -10.60 -18.95
CA GLY A 134 11.29 -10.37 -19.99
C GLY A 134 12.51 -11.28 -19.82
N ASN A 135 12.56 -12.01 -18.71
CA ASN A 135 13.62 -12.99 -18.44
C ASN A 135 13.51 -14.33 -19.16
N ASN A 136 12.58 -14.48 -20.09
CA ASN A 136 12.35 -15.78 -20.66
C ASN A 136 11.70 -15.55 -21.97
N HIS A 137 11.45 -16.62 -22.69
CA HIS A 137 10.87 -16.50 -24.02
C HIS A 137 9.37 -16.16 -23.97
N GLU A 138 8.74 -16.21 -22.78
CA GLU A 138 7.28 -16.10 -22.63
C GLU A 138 6.82 -14.70 -22.18
N SER A 139 7.74 -13.74 -22.07
CA SER A 139 7.39 -12.43 -21.55
C SER A 139 8.27 -11.30 -22.15
N TRP A 140 7.69 -10.11 -22.15
CA TRP A 140 8.28 -8.92 -22.74
C TRP A 140 8.03 -7.75 -21.79
N GLY A 141 9.10 -7.20 -21.25
CA GLY A 141 8.99 -6.16 -20.24
C GLY A 141 9.86 -4.92 -20.42
N TRP A 142 9.33 -3.81 -19.93
CA TRP A 142 10.06 -2.57 -19.85
C TRP A 142 10.36 -2.36 -18.40
N ASP A 143 11.65 -2.32 -18.05
CA ASP A 143 12.14 -1.97 -16.72
C ASP A 143 12.09 -0.45 -16.60
N LEU A 144 11.26 0.02 -15.68
CA LEU A 144 10.93 1.40 -15.61
C LEU A 144 12.10 2.18 -15.03
N GLY A 145 12.84 1.57 -14.11
CA GLY A 145 14.00 2.19 -13.48
C GLY A 145 15.23 2.22 -14.40
N ARG A 146 15.51 1.12 -15.08
CA ARG A 146 16.65 1.06 -16.00
C ARG A 146 16.41 1.71 -17.36
N ASN A 147 15.15 1.96 -17.73
CA ASN A 147 14.82 2.40 -19.11
C ASN A 147 15.32 1.35 -20.13
N ARG A 148 14.99 0.09 -19.86
CA ARG A 148 15.44 -1.01 -20.67
C ARG A 148 14.34 -2.00 -20.87
N LEU A 149 14.32 -2.55 -22.10
CA LEU A 149 13.45 -3.60 -22.53
C LEU A 149 14.11 -4.98 -22.40
N TYR A 150 13.33 -5.94 -21.95
CA TYR A 150 13.84 -7.31 -21.79
C TYR A 150 12.87 -8.28 -22.45
N HIS A 151 13.41 -9.22 -23.21
CA HIS A 151 12.70 -10.36 -23.75
C HIS A 151 13.70 -11.49 -23.93
N ASP A 152 13.42 -12.66 -23.36
CA ASP A 152 14.41 -13.77 -23.34
C ASP A 152 15.71 -13.23 -22.77
N GLY A 153 15.62 -12.56 -21.63
CA GLY A 153 16.73 -11.78 -21.11
C GLY A 153 17.94 -12.59 -20.64
N LYS A 154 17.81 -13.89 -20.42
CA LYS A 154 18.98 -14.72 -20.09
C LYS A 154 19.82 -15.08 -21.32
N ASN A 155 19.24 -14.87 -22.51
CA ASN A 155 19.90 -15.14 -23.79
C ASN A 155 20.09 -13.97 -24.74
N GLN A 156 19.36 -12.86 -24.54
CA GLN A 156 19.45 -11.68 -25.41
C GLN A 156 19.80 -10.48 -24.57
N PRO A 157 20.51 -9.54 -25.19
CA PRO A 157 20.79 -8.28 -24.54
C PRO A 157 19.53 -7.46 -24.40
N SER A 158 19.47 -6.61 -23.41
CA SER A 158 18.36 -5.70 -23.22
C SER A 158 18.51 -4.54 -24.21
N LYS A 159 17.47 -3.73 -24.38
CA LYS A 159 17.53 -2.62 -25.35
C LYS A 159 17.07 -1.35 -24.64
N THR A 160 17.71 -0.20 -24.91
CA THR A 160 17.27 1.09 -24.37
C THR A 160 15.90 1.49 -24.88
N TYR A 161 15.07 1.96 -23.96
CA TYR A 161 13.71 2.47 -24.27
C TYR A 161 13.28 3.52 -23.24
N PRO A 162 12.76 4.67 -23.70
CA PRO A 162 12.62 5.03 -25.13
C PRO A 162 13.94 5.12 -25.92
N ALA A 163 13.88 4.79 -27.19
CA ALA A 163 15.09 4.64 -28.01
C ALA A 163 15.87 5.94 -28.18
N PHE A 164 15.25 7.11 -28.00
CA PHE A 164 15.97 8.39 -28.16
C PHE A 164 16.98 8.76 -27.04
N LEU A 165 16.98 8.02 -25.92
CA LEU A 165 17.88 8.29 -24.80
C LEU A 165 19.32 8.04 -25.21
N GLU A 166 20.18 9.03 -25.00
CA GLU A 166 21.61 8.81 -25.09
C GLU A 166 21.98 7.88 -23.92
N PRO A 167 23.20 7.34 -23.92
CA PRO A 167 23.49 6.13 -23.11
C PRO A 167 23.40 6.27 -21.58
N ASP A 168 24.00 7.32 -21.02
CA ASP A 168 23.92 7.59 -19.57
C ASP A 168 22.64 8.39 -19.16
N GLU A 169 21.76 8.66 -20.13
CA GLU A 169 20.67 9.64 -20.00
C GLU A 169 19.45 9.12 -19.17
N THR A 170 18.90 9.97 -18.34
CA THR A 170 17.85 9.57 -17.42
C THR A 170 16.50 9.87 -18.10
N PHE A 171 15.55 8.97 -17.92
CA PHE A 171 14.15 9.24 -18.32
C PHE A 171 13.26 8.80 -17.18
N ILE A 172 12.56 9.74 -16.55
CA ILE A 172 11.74 9.39 -15.40
C ILE A 172 10.33 8.98 -15.82
N VAL A 173 9.97 7.73 -15.54
CA VAL A 173 8.62 7.25 -15.83
C VAL A 173 7.68 7.73 -14.73
N PRO A 174 6.64 8.50 -15.12
CA PRO A 174 5.71 8.98 -14.10
C PRO A 174 4.87 7.86 -13.53
N ASP A 175 4.15 8.21 -12.46
CA ASP A 175 3.38 7.22 -11.69
C ASP A 175 2.39 6.47 -12.55
N SER A 176 1.79 7.16 -13.51
CA SER A 176 0.83 6.55 -14.36
C SER A 176 1.24 6.70 -15.82
N PHE A 177 0.94 5.69 -16.64
CA PHE A 177 1.24 5.76 -18.08
C PHE A 177 0.42 4.65 -18.77
N LEU A 178 0.51 4.55 -20.10
CA LEU A 178 -0.36 3.62 -20.87
C LEU A 178 0.43 2.59 -21.63
N VAL A 179 -0.17 1.42 -21.79
CA VAL A 179 0.42 0.29 -22.48
C VAL A 179 -0.49 0.00 -23.68
N ALA A 180 0.09 -0.10 -24.87
CA ALA A 180 -0.67 -0.31 -26.08
C ALA A 180 -0.24 -1.60 -26.75
N LEU A 181 -1.12 -2.60 -26.77
CA LEU A 181 -0.81 -3.88 -27.39
C LEU A 181 -1.60 -3.98 -28.67
N ASP A 182 -0.91 -4.04 -29.80
CA ASP A 182 -1.57 -4.21 -31.07
C ASP A 182 -1.31 -5.64 -31.50
N MET A 183 -2.33 -6.45 -31.37
CA MET A 183 -2.20 -7.87 -31.68
C MET A 183 -2.28 -8.08 -33.17
N ASP A 184 -2.86 -7.13 -33.91
CA ASP A 184 -2.95 -7.25 -35.36
C ASP A 184 -1.59 -7.02 -35.99
N ASP A 185 -0.93 -5.92 -35.63
CA ASP A 185 0.46 -5.65 -36.07
C ASP A 185 1.46 -6.52 -35.34
N GLY A 186 1.11 -6.93 -34.13
CA GLY A 186 2.02 -7.71 -33.30
C GLY A 186 3.08 -6.89 -32.60
N THR A 187 2.65 -5.75 -32.04
CA THR A 187 3.53 -4.83 -31.31
C THR A 187 3.02 -4.41 -29.90
N LEU A 188 3.97 -3.98 -29.08
CA LEU A 188 3.73 -3.42 -27.77
C LEU A 188 4.42 -2.10 -27.74
N SER A 189 3.69 -1.06 -27.40
CA SER A 189 4.24 0.26 -27.27
C SER A 189 3.75 0.84 -25.98
N PHE A 190 4.32 2.00 -25.59
CA PHE A 190 3.97 2.74 -24.41
C PHE A 190 3.72 4.22 -24.69
N ILE A 191 2.81 4.80 -23.92
CA ILE A 191 2.54 6.25 -24.03
C ILE A 191 2.76 6.85 -22.68
N VAL A 192 3.57 7.89 -22.62
CA VAL A 192 3.91 8.48 -21.37
C VAL A 192 3.59 9.98 -21.36
N ASP A 193 2.70 10.38 -20.45
CA ASP A 193 2.19 11.75 -20.42
C ASP A 193 1.74 12.21 -21.83
N GLY A 194 0.95 11.37 -22.50
CA GLY A 194 0.37 11.69 -23.81
C GLY A 194 1.29 11.53 -25.03
N GLN A 195 2.55 11.22 -24.82
CA GLN A 195 3.58 11.09 -25.87
C GLN A 195 3.80 9.61 -26.20
N TYR A 196 3.60 9.24 -27.47
CA TYR A 196 3.85 7.89 -27.93
C TYR A 196 5.36 7.66 -27.79
N MET A 197 5.79 6.64 -27.05
CA MET A 197 7.22 6.43 -26.85
C MET A 197 7.86 5.50 -27.92
N GLY A 198 7.10 5.09 -28.92
CA GLY A 198 7.60 4.21 -29.99
C GLY A 198 7.30 2.74 -29.74
N VAL A 199 7.39 1.93 -30.80
CA VAL A 199 7.26 0.47 -30.66
C VAL A 199 8.37 -0.06 -29.78
N ALA A 200 8.02 -0.84 -28.73
CA ALA A 200 9.00 -1.43 -27.82
C ALA A 200 9.32 -2.82 -28.29
N PHE A 201 8.31 -3.58 -28.67
CA PHE A 201 8.53 -4.92 -29.11
C PHE A 201 7.73 -5.19 -30.36
N ARG A 202 8.27 -6.08 -31.18
CA ARG A 202 7.60 -6.57 -32.38
C ARG A 202 7.56 -8.07 -32.34
N GLY A 203 6.84 -8.64 -33.28
CA GLY A 203 6.92 -10.07 -33.47
C GLY A 203 5.88 -10.82 -32.70
N LEU A 204 4.78 -10.15 -32.31
CA LEU A 204 3.83 -10.74 -31.36
C LEU A 204 2.59 -11.33 -32.05
N LYS A 205 2.54 -11.29 -33.38
CA LYS A 205 1.38 -11.85 -34.08
C LYS A 205 1.12 -13.34 -33.77
N GLY A 206 -0.14 -13.73 -33.77
CA GLY A 206 -0.52 -15.11 -33.49
C GLY A 206 -0.39 -15.63 -32.06
N LYS A 207 0.00 -14.80 -31.11
CA LYS A 207 0.08 -15.24 -29.71
C LYS A 207 -1.19 -14.85 -28.94
N LYS A 208 -1.21 -15.16 -27.65
CA LYS A 208 -2.33 -14.79 -26.79
C LYS A 208 -1.68 -14.17 -25.58
N LEU A 209 -1.82 -12.85 -25.49
CA LEU A 209 -0.95 -12.09 -24.59
C LEU A 209 -1.77 -11.36 -23.52
N TYR A 210 -1.26 -11.40 -22.30
CA TYR A 210 -1.92 -10.93 -21.09
C TYR A 210 -1.09 -9.77 -20.52
N PRO A 211 -1.74 -8.72 -19.99
CA PRO A 211 -1.01 -7.72 -19.20
C PRO A 211 -0.31 -8.40 -18.01
N VAL A 212 0.86 -7.93 -17.66
CA VAL A 212 1.65 -8.50 -16.58
C VAL A 212 2.57 -7.41 -16.06
N VAL A 213 2.96 -7.54 -14.80
CA VAL A 213 3.92 -6.66 -14.18
C VAL A 213 4.74 -7.64 -13.33
N SER A 214 6.01 -7.36 -13.05
CA SER A 214 6.76 -8.04 -11.99
C SER A 214 7.30 -7.01 -11.03
N ALA A 215 7.25 -7.34 -9.74
CA ALA A 215 7.55 -6.41 -8.70
C ALA A 215 8.36 -7.06 -7.58
N VAL A 216 9.12 -6.24 -6.87
CA VAL A 216 9.99 -6.67 -5.74
C VAL A 216 9.78 -5.89 -4.43
N TRP A 217 8.92 -4.88 -4.45
CA TRP A 217 8.80 -3.95 -3.33
C TRP A 217 7.72 -4.40 -2.40
N GLY A 218 8.03 -4.43 -1.12
CA GLY A 218 7.09 -4.87 -0.15
C GLY A 218 5.98 -3.88 0.00
N HIS A 219 4.74 -4.41 -0.10
CA HIS A 219 3.51 -3.66 -0.01
C HIS A 219 3.26 -2.75 -1.18
N CYS A 220 3.94 -2.97 -2.28
CA CYS A 220 3.63 -2.21 -3.43
C CYS A 220 2.21 -2.53 -3.84
N GLU A 221 1.53 -1.50 -4.31
CA GLU A 221 0.21 -1.61 -4.92
C GLU A 221 0.18 -1.00 -6.29
N ILE A 222 -0.26 -1.79 -7.25
CA ILE A 222 -0.16 -1.48 -8.66
C ILE A 222 -1.55 -1.58 -9.24
N ARG A 223 -1.99 -0.51 -9.89
CA ARG A 223 -3.31 -0.45 -10.47
C ARG A 223 -3.23 -0.68 -11.95
N MET A 224 -4.12 -1.50 -12.49
CA MET A 224 -4.28 -1.55 -13.90
C MET A 224 -5.74 -1.30 -14.32
N ARG A 225 -5.91 -0.30 -15.18
CA ARG A 225 -7.22 0.09 -15.72
C ARG A 225 -7.32 -0.01 -17.24
N TYR A 226 -8.08 -0.98 -17.74
CA TYR A 226 -8.26 -1.16 -19.17
C TYR A 226 -9.08 0.02 -19.69
N LEU A 227 -8.66 0.64 -20.79
CA LEU A 227 -9.28 1.89 -21.25
C LEU A 227 -10.25 1.61 -22.37
N ASN A 228 -9.76 0.87 -23.35
CA ASN A 228 -10.54 0.57 -24.55
C ASN A 228 -9.85 -0.44 -25.43
N GLY A 229 -10.59 -1.00 -26.37
CA GLY A 229 -10.04 -1.84 -27.43
C GLY A 229 -10.79 -1.57 -28.72
N LEU A 230 -10.13 -1.81 -29.85
CA LEU A 230 -10.66 -1.59 -31.18
C LEU A 230 -10.38 -2.89 -31.98
N ASP A 231 -11.41 -3.45 -32.61
CA ASP A 231 -11.24 -4.66 -33.43
C ASP A 231 -10.52 -4.34 -34.74
N PRO A 232 -9.98 -5.37 -35.40
CA PRO A 232 -9.24 -5.10 -36.64
C PRO A 232 -10.14 -4.60 -37.77
N GLU A 233 -9.55 -3.86 -38.71
CA GLU A 233 -10.15 -3.56 -40.06
C GLU A 233 -9.57 -2.27 -40.65
N ASP B 30 9.73 -16.54 15.97
CA ASP B 30 9.44 -15.81 17.23
C ASP B 30 8.34 -14.71 17.07
N TYR B 31 7.65 -14.70 15.93
CA TYR B 31 6.65 -13.67 15.59
C TYR B 31 5.30 -14.28 15.12
N CYS B 32 4.96 -15.47 15.62
CA CYS B 32 3.70 -16.12 15.31
C CYS B 32 2.58 -15.45 16.13
N LYS B 33 1.38 -15.37 15.58
CA LYS B 33 0.24 -14.79 16.27
C LYS B 33 -0.14 -15.64 17.47
N PRO B 34 -0.35 -15.03 18.64
CA PRO B 34 -0.93 -15.79 19.76
C PRO B 34 -2.21 -16.52 19.29
N THR B 35 -2.53 -17.64 19.94
CA THR B 35 -3.69 -18.45 19.55
C THR B 35 -5.02 -17.68 19.67
N ARG B 36 -5.17 -16.95 20.76
CA ARG B 36 -6.35 -16.08 20.95
C ARG B 36 -6.51 -15.06 19.84
N LEU B 37 -5.40 -14.48 19.40
CA LEU B 37 -5.44 -13.48 18.34
C LEU B 37 -5.87 -14.13 17.00
N ASP B 38 -5.34 -15.32 16.67
CA ASP B 38 -5.78 -16.08 15.48
C ASP B 38 -7.27 -16.27 15.53
N LEU B 39 -7.72 -16.59 16.74
CA LEU B 39 -9.09 -17.03 16.94
C LEU B 39 -10.00 -15.85 16.67
N LEU B 40 -9.63 -14.72 17.25
CA LEU B 40 -10.37 -13.47 17.04
C LEU B 40 -10.37 -13.07 15.57
N LEU B 41 -9.22 -13.17 14.93
CA LEU B 41 -9.12 -12.77 13.51
C LEU B 41 -9.93 -13.66 12.55
N ASP B 42 -10.06 -14.95 12.88
CA ASP B 42 -10.84 -15.86 12.02
C ASP B 42 -12.34 -15.65 12.16
N MET B 43 -12.74 -14.99 13.23
CA MET B 43 -14.15 -14.70 13.41
C MET B 43 -14.53 -13.60 12.40
N PRO B 44 -15.80 -13.54 11.99
CA PRO B 44 -16.16 -12.42 11.11
C PRO B 44 -16.08 -11.10 11.89
N PRO B 45 -15.64 -10.01 11.24
CA PRO B 45 -15.59 -8.70 11.89
C PRO B 45 -16.99 -8.24 12.23
N VAL B 46 -17.15 -7.49 13.33
CA VAL B 46 -18.49 -7.07 13.75
C VAL B 46 -19.20 -6.20 12.70
N SER B 47 -20.52 -6.08 12.84
CA SER B 47 -21.33 -5.28 11.90
C SER B 47 -21.17 -3.77 12.13
N TYR B 48 -21.70 -2.98 11.17
CA TYR B 48 -21.57 -1.52 11.19
C TYR B 48 -22.04 -0.88 12.49
N ASP B 49 -23.13 -1.39 13.03
CA ASP B 49 -23.67 -0.90 14.29
C ASP B 49 -22.66 -1.03 15.41
N VAL B 50 -21.97 -2.16 15.52
CA VAL B 50 -20.98 -2.32 16.59
C VAL B 50 -19.72 -1.51 16.25
N GLN B 51 -19.41 -1.36 14.97
CA GLN B 51 -18.25 -0.55 14.59
C GLN B 51 -18.43 0.89 15.05
N LEU B 52 -19.65 1.38 14.89
CA LEU B 52 -20.00 2.73 15.30
C LEU B 52 -19.86 2.91 16.81
N LEU B 53 -20.15 1.87 17.57
CA LEU B 53 -20.06 1.96 19.03
C LEU B 53 -18.62 2.20 19.49
N HIS B 54 -17.69 1.75 18.65
CA HIS B 54 -16.26 1.77 18.96
C HIS B 54 -15.49 2.80 18.13
N SER B 55 -16.19 3.58 17.33
CA SER B 55 -15.53 4.48 16.36
C SER B 55 -14.99 5.72 17.06
N TRP B 56 -14.42 6.62 16.26
CA TRP B 56 -13.90 7.90 16.76
C TRP B 56 -14.98 8.68 17.50
N ASN B 57 -14.61 9.23 18.67
CA ASN B 57 -15.51 10.02 19.49
C ASN B 57 -15.46 11.49 19.16
N ASN B 58 -16.50 12.00 18.48
CA ASN B 58 -16.51 13.40 18.08
C ASN B 58 -16.65 14.31 19.28
N ASN B 59 -16.97 13.74 20.45
CA ASN B 59 -17.06 14.49 21.70
C ASN B 59 -15.83 14.22 22.59
N ASP B 60 -14.80 13.59 22.03
CA ASP B 60 -13.54 13.43 22.77
C ASP B 60 -12.35 13.63 21.78
N ARG B 61 -12.22 14.88 21.35
CA ARG B 61 -11.35 15.27 20.25
C ARG B 61 -10.77 16.66 20.42
N SER B 62 -9.61 16.88 19.80
CA SER B 62 -9.15 18.21 19.48
C SER B 62 -10.19 18.82 18.57
N LEU B 63 -10.53 20.09 18.82
CA LEU B 63 -11.46 20.80 17.95
C LEU B 63 -10.88 21.08 16.55
N ASN B 64 -9.60 20.83 16.30
CA ASN B 64 -9.06 20.95 14.95
C ASN B 64 -9.23 19.70 14.06
N VAL B 65 -9.87 18.67 14.62
CA VAL B 65 -10.31 17.54 13.85
C VAL B 65 -11.82 17.39 13.96
N PHE B 66 -12.41 16.65 13.03
CA PHE B 66 -13.82 16.32 13.11
C PHE B 66 -14.12 14.99 12.47
N VAL B 67 -15.09 14.28 13.05
CA VAL B 67 -15.58 13.03 12.52
C VAL B 67 -16.40 13.37 11.29
N LYS B 68 -16.24 12.62 10.19
CA LYS B 68 -16.97 12.91 8.95
C LYS B 68 -18.45 12.50 8.99
N GLU B 69 -19.33 13.40 8.56
CA GLU B 69 -20.76 13.14 8.63
C GLU B 69 -21.14 11.98 7.72
N ASP B 70 -20.47 11.86 6.59
CA ASP B 70 -20.84 10.84 5.61
C ASP B 70 -20.06 9.54 5.79
N ASP B 71 -19.09 9.51 6.71
CA ASP B 71 -18.44 8.26 7.12
C ASP B 71 -17.87 8.47 8.51
N LYS B 72 -18.60 7.98 9.50
CA LYS B 72 -18.26 8.23 10.89
C LYS B 72 -17.13 7.37 11.42
N LEU B 73 -16.50 6.55 10.57
CA LEU B 73 -15.32 5.78 10.97
C LEU B 73 -14.04 6.62 10.66
N ILE B 74 -14.23 7.78 10.01
CA ILE B 74 -13.12 8.59 9.53
C ILE B 74 -13.20 9.94 10.22
N PHE B 75 -12.05 10.44 10.64
CA PHE B 75 -11.96 11.84 10.95
C PHE B 75 -11.02 12.53 10.00
N HIS B 76 -11.22 13.85 9.90
CA HIS B 76 -10.50 14.80 9.08
C HIS B 76 -9.84 15.87 9.98
N ARG B 77 -8.59 16.19 9.68
CA ARG B 77 -7.89 17.25 10.38
C ARG B 77 -7.89 18.48 9.51
N HIS B 78 -8.41 19.57 10.03
CA HIS B 78 -8.25 20.91 9.46
C HIS B 78 -6.77 21.28 9.33
N PRO B 79 -6.38 22.00 8.24
CA PRO B 79 -4.97 22.35 8.01
C PRO B 79 -4.42 23.49 8.90
N VAL B 80 -4.41 23.25 10.20
CA VAL B 80 -4.00 24.26 11.20
C VAL B 80 -2.48 24.23 11.40
N ALA B 81 -1.86 25.39 11.24
CA ALA B 81 -0.40 25.45 11.32
C ALA B 81 0.00 25.26 12.76
N GLN B 82 1.12 24.55 12.98
CA GLN B 82 1.75 24.43 14.29
C GLN B 82 0.74 23.87 15.32
N SER B 83 0.17 22.72 14.97
CA SER B 83 -0.79 22.05 15.80
C SER B 83 -0.66 20.54 15.63
N THR B 84 -0.69 19.82 16.75
CA THR B 84 -0.73 18.37 16.80
C THR B 84 -2.04 18.02 17.49
N ASP B 85 -2.81 17.15 16.85
CA ASP B 85 -4.17 16.93 17.24
C ASP B 85 -4.49 15.45 17.33
N ALA B 86 -5.16 15.06 18.41
CA ALA B 86 -5.55 13.68 18.62
C ALA B 86 -7.05 13.55 18.87
N ILE B 87 -7.53 12.32 18.80
CA ILE B 87 -8.95 12.01 19.07
C ILE B 87 -9.02 10.58 19.60
N ARG B 88 -9.93 10.32 20.54
CA ARG B 88 -10.05 9.01 21.15
C ARG B 88 -11.23 8.27 20.57
N GLY B 89 -11.09 6.95 20.52
CA GLY B 89 -12.25 6.10 20.26
C GLY B 89 -13.28 6.28 21.36
N LYS B 90 -14.51 5.94 21.06
CA LYS B 90 -15.62 6.01 22.03
C LYS B 90 -15.52 5.07 23.24
N VAL B 91 -14.78 3.98 23.13
CA VAL B 91 -14.78 2.95 24.17
C VAL B 91 -13.40 2.77 24.82
N GLY B 92 -13.35 2.82 26.15
CA GLY B 92 -12.11 2.54 26.89
C GLY B 92 -12.12 1.11 27.35
N TYR B 93 -11.15 0.32 26.92
CA TYR B 93 -11.14 -1.11 27.22
C TYR B 93 -10.40 -1.35 28.53
N THR B 94 -10.92 -2.28 29.30
CA THR B 94 -10.38 -2.67 30.60
C THR B 94 -10.10 -4.16 30.68
N ARG B 95 -10.68 -4.96 29.81
CA ARG B 95 -10.54 -6.41 29.83
C ARG B 95 -10.73 -6.96 28.43
N GLY B 96 -10.25 -8.18 28.24
CA GLY B 96 -10.39 -8.85 26.97
C GLY B 96 -9.34 -8.47 25.95
N LEU B 97 -9.42 -9.16 24.81
CA LEU B 97 -8.59 -8.83 23.62
C LEU B 97 -9.42 -8.02 22.64
N HIS B 98 -8.89 -6.88 22.17
CA HIS B 98 -9.62 -5.99 21.22
C HIS B 98 -8.73 -5.64 20.01
N VAL B 99 -9.30 -5.75 18.82
CA VAL B 99 -8.55 -5.50 17.59
C VAL B 99 -9.30 -4.54 16.67
N TRP B 100 -8.62 -3.45 16.27
CA TRP B 100 -9.17 -2.52 15.31
C TRP B 100 -8.22 -2.29 14.18
N GLN B 101 -8.79 -1.94 13.03
CA GLN B 101 -8.01 -1.55 11.91
C GLN B 101 -7.89 -0.05 11.73
N ILE B 102 -6.67 0.41 11.50
CA ILE B 102 -6.40 1.79 11.18
C ILE B 102 -6.12 1.87 9.71
N THR B 103 -6.66 2.89 9.03
CA THR B 103 -6.20 3.24 7.65
C THR B 103 -5.79 4.71 7.61
N TRP B 104 -4.52 4.92 7.25
CA TRP B 104 -3.86 6.21 7.29
C TRP B 104 -2.93 6.26 6.09
N ALA B 105 -3.36 6.98 5.04
CA ALA B 105 -2.60 7.05 3.81
C ALA B 105 -1.17 7.60 4.08
N MET B 106 -0.19 6.90 3.54
CA MET B 106 1.23 7.30 3.61
C MET B 106 1.44 8.78 3.37
N ARG B 107 0.82 9.28 2.31
CA ARG B 107 1.05 10.65 1.86
C ARG B 107 0.41 11.70 2.80
N GLN B 108 -0.28 11.24 3.85
CA GLN B 108 -1.01 12.10 4.73
C GLN B 108 -0.47 11.93 6.16
N ARG B 109 0.78 11.53 6.30
CA ARG B 109 1.36 11.32 7.64
C ARG B 109 2.14 12.51 8.16
N GLY B 110 2.84 13.21 7.28
CA GLY B 110 3.57 14.39 7.70
C GLY B 110 4.77 14.01 8.52
N THR B 111 5.18 14.91 9.42
CA THR B 111 6.42 14.72 10.18
C THR B 111 6.23 13.91 11.46
N HIS B 112 5.00 13.88 11.99
CA HIS B 112 4.68 13.13 13.23
C HIS B 112 3.35 12.37 13.16
N ALA B 113 3.41 11.07 12.89
CA ALA B 113 2.22 10.26 12.71
C ALA B 113 2.28 9.13 13.73
N VAL B 114 1.46 9.23 14.77
CA VAL B 114 1.59 8.31 15.89
C VAL B 114 0.28 7.61 16.19
N VAL B 115 0.36 6.27 16.39
CA VAL B 115 -0.83 5.46 16.68
C VAL B 115 -0.60 4.62 17.92
N GLY B 116 -1.65 4.46 18.71
CA GLY B 116 -1.54 3.71 19.96
C GLY B 116 -2.79 3.77 20.81
N VAL B 117 -2.58 3.90 22.12
CA VAL B 117 -3.69 3.99 23.05
C VAL B 117 -3.37 5.06 24.08
N ALA B 118 -4.43 5.53 24.71
CA ALA B 118 -4.33 6.57 25.72
C ALA B 118 -5.38 6.32 26.77
N THR B 119 -5.14 6.84 27.96
CA THR B 119 -6.16 6.94 28.97
C THR B 119 -6.99 8.16 28.66
N ALA B 120 -8.11 8.29 29.37
CA ALA B 120 -8.94 9.50 29.32
C ALA B 120 -8.20 10.76 29.81
N ASP B 121 -7.06 10.61 30.47
CA ASP B 121 -6.29 11.80 30.91
C ASP B 121 -5.24 12.35 29.93
N ALA B 122 -4.90 11.63 28.86
CA ALA B 122 -3.87 12.14 27.97
C ALA B 122 -4.38 13.41 27.25
N PRO B 123 -3.51 14.42 27.07
CA PRO B 123 -3.96 15.59 26.30
C PRO B 123 -4.21 15.24 24.80
N LEU B 124 -5.14 15.94 24.15
CA LEU B 124 -5.50 15.67 22.77
C LEU B 124 -4.94 16.69 21.77
N HIS B 125 -4.13 17.61 22.27
CA HIS B 125 -3.59 18.65 21.43
C HIS B 125 -2.31 19.19 22.00
N SER B 126 -1.36 19.54 21.12
CA SER B 126 -0.17 20.30 21.49
C SER B 126 0.04 21.45 20.48
N VAL B 127 0.69 22.53 20.91
CA VAL B 127 1.20 23.51 19.97
C VAL B 127 2.43 22.88 19.32
N GLY B 128 2.79 23.33 18.13
CA GLY B 128 3.89 22.73 17.39
C GLY B 128 3.54 21.36 16.83
N TYR B 129 4.54 20.68 16.31
CA TYR B 129 4.41 19.40 15.68
C TYR B 129 5.19 18.45 16.58
N THR B 130 4.50 17.52 17.26
CA THR B 130 5.10 16.65 18.26
C THR B 130 4.63 15.20 18.19
N THR B 131 5.31 14.32 18.92
CA THR B 131 4.81 12.94 19.10
C THR B 131 3.93 12.93 20.35
N LEU B 132 2.73 13.52 20.21
CA LEU B 132 1.81 13.78 21.33
C LEU B 132 1.35 12.50 22.02
N VAL B 133 1.06 11.50 21.23
CA VAL B 133 0.76 10.16 21.76
C VAL B 133 2.11 9.51 22.15
N GLY B 134 2.32 9.28 23.44
CA GLY B 134 3.56 8.72 23.96
C GLY B 134 4.50 9.73 24.58
N ASN B 135 4.17 11.03 24.48
CA ASN B 135 4.99 12.08 25.12
C ASN B 135 4.77 12.21 26.62
N ASN B 136 3.95 11.33 27.18
CA ASN B 136 3.55 11.46 28.53
C ASN B 136 3.26 10.08 29.12
N HIS B 137 2.90 10.10 30.40
CA HIS B 137 2.61 8.87 31.14
C HIS B 137 1.20 8.30 30.84
N GLU B 138 0.41 9.00 30.03
CA GLU B 138 -0.99 8.63 29.78
C GLU B 138 -1.18 8.07 28.38
N SER B 139 -0.10 7.88 27.64
CA SER B 139 -0.26 7.44 26.27
C SER B 139 0.90 6.58 25.85
N TRP B 140 0.65 5.75 24.83
CA TRP B 140 1.60 4.77 24.28
C TRP B 140 1.43 4.82 22.78
N GLY B 141 2.52 5.08 22.04
CA GLY B 141 2.44 5.35 20.62
C GLY B 141 3.49 4.67 19.80
N TRP B 142 3.08 4.27 18.61
CA TRP B 142 4.00 3.80 17.58
C TRP B 142 4.10 4.88 16.53
N ASP B 143 5.33 5.36 16.28
CA ASP B 143 5.62 6.33 15.24
C ASP B 143 5.79 5.62 13.93
N LEU B 144 4.84 5.84 13.02
CA LEU B 144 4.77 5.21 11.71
C LEU B 144 5.82 5.68 10.70
N GLY B 145 6.45 6.83 10.96
CA GLY B 145 7.52 7.30 10.07
C GLY B 145 8.91 6.87 10.56
N ARG B 146 9.08 6.84 11.88
CA ARG B 146 10.36 6.54 12.51
C ARG B 146 10.55 5.08 12.94
N ASN B 147 9.49 4.27 12.88
CA ASN B 147 9.53 2.89 13.39
C ASN B 147 10.01 2.87 14.84
N ARG B 148 9.41 3.74 15.65
CA ARG B 148 9.82 3.90 17.06
C ARG B 148 8.61 3.90 17.97
N LEU B 149 8.83 3.47 19.20
CA LEU B 149 7.81 3.40 20.22
C LEU B 149 8.05 4.46 21.29
N TYR B 150 6.98 5.06 21.76
CA TYR B 150 7.08 6.12 22.76
C TYR B 150 6.08 5.93 23.84
N HIS B 151 6.55 6.23 25.04
CA HIS B 151 5.72 6.33 26.22
C HIS B 151 6.52 7.09 27.26
N ASP B 152 5.84 8.01 27.94
CA ASP B 152 6.51 8.98 28.81
C ASP B 152 7.78 9.54 28.17
N GLY B 153 7.68 9.90 26.89
CA GLY B 153 8.84 10.03 25.99
C GLY B 153 9.73 11.22 26.25
N LYS B 154 9.31 12.08 27.17
CA LYS B 154 10.15 13.14 27.73
C LYS B 154 10.92 12.70 28.98
N ASN B 155 10.78 11.43 29.34
CA ASN B 155 11.51 10.80 30.46
C ASN B 155 12.34 9.61 29.96
N GLN B 156 11.86 8.95 28.89
CA GLN B 156 12.39 7.67 28.45
C GLN B 156 12.87 7.74 27.02
N PRO B 157 13.70 6.76 26.61
CA PRO B 157 14.21 6.75 25.24
C PRO B 157 13.45 5.74 24.37
N SER B 158 13.08 6.13 23.16
CA SER B 158 12.38 5.23 22.24
C SER B 158 13.15 3.94 21.92
N LYS B 159 12.39 2.99 21.37
CA LYS B 159 12.79 1.62 21.14
C LYS B 159 12.33 1.37 19.73
N THR B 160 13.16 0.68 18.94
CA THR B 160 12.87 0.35 17.53
C THR B 160 11.73 -0.69 17.47
N TYR B 161 10.83 -0.54 16.51
CA TYR B 161 9.74 -1.47 16.35
C TYR B 161 9.32 -1.54 14.88
N PRO B 162 9.08 -2.76 14.37
CA PRO B 162 9.27 -4.05 15.09
C PRO B 162 10.73 -4.33 15.47
N ALA B 163 10.92 -5.16 16.48
CA ALA B 163 12.23 -5.49 17.04
C ALA B 163 13.21 -6.09 16.02
N PHE B 164 12.67 -6.77 15.02
CA PHE B 164 13.51 -7.50 14.09
C PHE B 164 14.22 -6.65 13.06
N LEU B 165 13.93 -5.35 12.99
CA LEU B 165 14.64 -4.47 12.05
C LEU B 165 16.11 -4.20 12.44
N GLU B 166 17.01 -4.23 11.46
CA GLU B 166 18.37 -3.67 11.66
C GLU B 166 18.26 -2.13 11.66
N PRO B 167 19.18 -1.44 12.32
CA PRO B 167 19.04 0.01 12.31
C PRO B 167 19.26 0.60 10.90
N ASP B 168 18.55 1.68 10.60
CA ASP B 168 18.57 2.26 9.25
C ASP B 168 17.79 1.43 8.20
N GLU B 169 17.37 0.20 8.52
CA GLU B 169 16.73 -0.67 7.54
C GLU B 169 15.42 -0.07 7.03
N THR B 170 15.14 -0.25 5.74
CA THR B 170 13.88 0.19 5.16
C THR B 170 12.76 -0.72 5.63
N PHE B 171 11.81 -0.10 6.33
CA PHE B 171 10.58 -0.75 6.74
C PHE B 171 9.51 0.34 6.77
N ILE B 172 8.60 0.32 5.79
CA ILE B 172 7.56 1.35 5.67
C ILE B 172 6.19 0.73 5.90
N VAL B 173 5.52 1.16 6.96
CA VAL B 173 4.19 0.62 7.29
C VAL B 173 3.20 1.04 6.20
N PRO B 174 2.48 0.08 5.60
CA PRO B 174 1.52 0.41 4.56
C PRO B 174 0.31 1.20 5.10
N ASP B 175 -0.60 1.58 4.22
CA ASP B 175 -1.74 2.45 4.58
C ASP B 175 -2.61 1.84 5.71
N SER B 176 -2.83 0.53 5.65
CA SER B 176 -3.65 -0.17 6.63
C SER B 176 -2.86 -1.11 7.48
N PHE B 177 -3.31 -1.26 8.73
CA PHE B 177 -2.73 -2.19 9.68
C PHE B 177 -3.66 -2.37 10.87
N LEU B 178 -3.38 -3.36 11.70
CA LEU B 178 -4.21 -3.68 12.85
C LEU B 178 -3.50 -3.40 14.15
N VAL B 179 -4.32 -3.04 15.14
CA VAL B 179 -3.88 -2.70 16.48
C VAL B 179 -4.58 -3.67 17.40
N ALA B 180 -3.82 -4.31 18.29
CA ALA B 180 -4.35 -5.32 19.17
C ALA B 180 -4.03 -5.00 20.63
N LEU B 181 -5.04 -4.66 21.42
CA LEU B 181 -4.86 -4.34 22.81
C LEU B 181 -5.33 -5.56 23.58
N ASP B 182 -4.42 -6.14 24.32
CA ASP B 182 -4.78 -7.29 25.17
C ASP B 182 -4.73 -6.83 26.59
N MET B 183 -5.91 -6.49 27.12
CA MET B 183 -6.01 -5.93 28.46
C MET B 183 -5.88 -7.00 29.54
N ASP B 184 -5.94 -8.28 29.15
CA ASP B 184 -5.75 -9.36 30.11
C ASP B 184 -4.25 -9.56 30.40
N ASP B 185 -3.46 -9.60 29.34
CA ASP B 185 -2.01 -9.64 29.44
C ASP B 185 -1.42 -8.27 29.71
N GLY B 186 -2.15 -7.20 29.39
CA GLY B 186 -1.59 -5.83 29.50
C GLY B 186 -0.60 -5.51 28.38
N THR B 187 -0.92 -5.89 27.16
CA THR B 187 -0.01 -5.68 26.03
C THR B 187 -0.67 -4.93 24.87
N LEU B 188 0.15 -4.18 24.12
CA LEU B 188 -0.27 -3.58 22.86
C LEU B 188 0.60 -4.15 21.78
N SER B 189 -0.03 -4.60 20.71
CA SER B 189 0.68 -5.16 19.57
C SER B 189 0.04 -4.70 18.27
N PHE B 190 0.76 -4.90 17.17
CA PHE B 190 0.35 -4.47 15.85
C PHE B 190 0.57 -5.61 14.86
N ILE B 191 -0.25 -5.62 13.82
CA ILE B 191 -0.20 -6.64 12.76
C ILE B 191 -0.23 -5.88 11.44
N VAL B 192 0.69 -6.20 10.55
CA VAL B 192 0.78 -5.59 9.24
C VAL B 192 0.68 -6.69 8.18
N ASP B 193 -0.32 -6.56 7.28
CA ASP B 193 -0.55 -7.47 6.17
C ASP B 193 -0.49 -8.93 6.63
N GLY B 194 -1.19 -9.16 7.74
CA GLY B 194 -1.34 -10.49 8.29
C GLY B 194 -0.15 -10.94 9.12
N GLN B 195 0.90 -10.12 9.21
CA GLN B 195 2.10 -10.54 9.93
C GLN B 195 2.10 -9.89 11.32
N TYR B 196 2.10 -10.70 12.35
CA TYR B 196 2.21 -10.19 13.72
C TYR B 196 3.59 -9.54 13.88
N MET B 197 3.59 -8.35 14.48
CA MET B 197 4.79 -7.49 14.62
C MET B 197 5.38 -7.57 16.03
N GLY B 198 4.81 -8.42 16.88
CA GLY B 198 5.32 -8.66 18.20
C GLY B 198 4.70 -7.68 19.17
N VAL B 199 5.03 -7.85 20.44
CA VAL B 199 4.45 -7.01 21.48
C VAL B 199 5.22 -5.70 21.48
N ALA B 200 4.48 -4.60 21.42
CA ALA B 200 5.10 -3.29 21.43
C ALA B 200 5.24 -2.75 22.87
N PHE B 201 4.18 -2.84 23.66
CA PHE B 201 4.18 -2.29 25.02
C PHE B 201 3.56 -3.33 25.93
N ARG B 202 4.04 -3.35 27.16
CA ARG B 202 3.50 -4.18 28.26
C ARG B 202 3.16 -3.24 29.41
N GLY B 203 2.63 -3.83 30.46
CA GLY B 203 2.43 -3.16 31.75
C GLY B 203 1.14 -2.41 31.78
N LEU B 204 0.17 -2.85 30.97
CA LEU B 204 -1.07 -2.10 30.76
C LEU B 204 -2.22 -2.62 31.58
N LYS B 205 -2.01 -3.72 32.31
CA LYS B 205 -3.09 -4.28 33.14
C LYS B 205 -3.66 -3.24 34.11
N GLY B 206 -4.98 -3.24 34.28
CA GLY B 206 -5.61 -2.46 35.34
C GLY B 206 -5.99 -1.08 34.88
N LYS B 207 -5.67 -0.76 33.63
CA LYS B 207 -5.99 0.56 33.06
C LYS B 207 -7.28 0.53 32.20
N LYS B 208 -7.74 1.72 31.78
CA LYS B 208 -8.84 1.91 30.86
C LYS B 208 -8.28 2.68 29.65
N LEU B 209 -8.08 1.94 28.57
CA LEU B 209 -7.34 2.44 27.43
C LEU B 209 -8.22 2.55 26.19
N TYR B 210 -8.14 3.73 25.58
CA TYR B 210 -8.87 4.12 24.39
C TYR B 210 -7.96 4.13 23.19
N PRO B 211 -8.47 3.78 21.98
CA PRO B 211 -7.71 3.98 20.71
C PRO B 211 -7.47 5.46 20.49
N VAL B 212 -6.29 5.78 20.00
CA VAL B 212 -5.93 7.16 19.80
C VAL B 212 -4.92 7.24 18.69
N VAL B 213 -4.89 8.40 18.06
CA VAL B 213 -3.82 8.77 17.12
C VAL B 213 -3.55 10.22 17.33
N SER B 214 -2.33 10.69 17.02
CA SER B 214 -2.03 12.13 16.95
C SER B 214 -1.50 12.41 15.57
N ALA B 215 -2.08 13.41 14.93
CA ALA B 215 -1.75 13.78 13.56
C ALA B 215 -1.37 15.27 13.48
N VAL B 216 -0.59 15.59 12.44
CA VAL B 216 -0.17 16.96 12.13
C VAL B 216 -0.45 17.37 10.66
N TRP B 217 -0.99 16.49 9.83
CA TRP B 217 -1.07 16.77 8.38
C TRP B 217 -2.40 17.41 7.97
N GLY B 218 -2.29 18.52 7.25
CA GLY B 218 -3.43 19.30 6.77
C GLY B 218 -4.27 18.43 5.86
N HIS B 219 -5.51 18.24 6.29
CA HIS B 219 -6.53 17.46 5.60
C HIS B 219 -6.34 16.00 5.67
N CYS B 220 -5.53 15.49 6.59
CA CYS B 220 -5.42 14.02 6.70
C CYS B 220 -6.74 13.42 7.17
N GLU B 221 -6.94 12.16 6.78
CA GLU B 221 -8.14 11.41 7.10
C GLU B 221 -7.72 10.03 7.57
N ILE B 222 -8.14 9.67 8.78
CA ILE B 222 -7.74 8.45 9.43
C ILE B 222 -9.00 7.66 9.77
N ARG B 223 -9.02 6.42 9.31
CA ARG B 223 -10.18 5.55 9.51
C ARG B 223 -9.84 4.60 10.59
N MET B 224 -10.78 4.38 11.51
CA MET B 224 -10.69 3.33 12.48
C MET B 224 -11.90 2.41 12.42
N ARG B 225 -11.63 1.14 12.18
CA ARG B 225 -12.68 0.13 12.11
C ARG B 225 -12.44 -0.98 13.11
N TYR B 226 -13.19 -0.99 14.20
CA TYR B 226 -13.17 -2.07 15.19
C TYR B 226 -13.55 -3.37 14.47
N LEU B 227 -12.71 -4.40 14.66
CA LEU B 227 -12.93 -5.70 14.09
C LEU B 227 -13.68 -6.64 15.03
N ASN B 228 -13.18 -6.83 16.24
CA ASN B 228 -13.83 -7.74 17.16
C ASN B 228 -13.15 -7.67 18.53
N GLY B 229 -13.85 -8.16 19.54
CA GLY B 229 -13.28 -8.40 20.88
C GLY B 229 -13.49 -9.84 21.33
N LEU B 230 -12.63 -10.29 22.25
CA LEU B 230 -12.80 -11.59 22.92
C LEU B 230 -12.79 -11.34 24.43
N ASP B 231 -13.75 -11.88 25.15
CA ASP B 231 -13.77 -11.86 26.60
C ASP B 231 -12.56 -12.62 27.14
N PRO B 232 -12.21 -12.37 28.42
CA PRO B 232 -11.13 -13.15 29.03
C PRO B 232 -11.41 -14.63 29.08
N GLU B 233 -10.33 -15.41 29.15
CA GLU B 233 -10.28 -16.76 29.73
C GLU B 233 -10.01 -17.77 28.64
N ASP C 1 14.47 -4.76 4.11
CA ASP C 1 15.70 -4.74 3.26
C ASP C 1 15.58 -3.58 2.25
N ILE C 2 16.31 -3.66 1.16
CA ILE C 2 16.44 -2.56 0.20
C ILE C 2 15.16 -2.38 -0.58
N ASN C 3 14.37 -3.45 -0.65
CA ASN C 3 13.07 -3.49 -1.30
C ASN C 3 11.85 -3.57 -0.32
N ASN C 4 12.05 -3.07 0.89
CA ASN C 4 11.03 -2.98 1.91
C ASN C 4 10.48 -4.37 2.33
N ASN C 5 11.29 -5.40 2.13
CA ASN C 5 10.94 -6.76 2.49
C ASN C 5 11.67 -7.22 3.73
N ASN C 6 11.19 -8.32 4.31
CA ASN C 6 11.83 -8.90 5.49
C ASN C 6 11.80 -10.41 5.44
N ASN C 7 12.59 -11.03 6.32
CA ASN C 7 12.76 -12.48 6.42
C ASN C 7 11.73 -13.20 7.28
N ILE C 8 10.94 -12.43 7.99
CA ILE C 8 9.98 -13.00 8.95
C ILE C 8 8.76 -13.59 8.26
N VAL C 9 8.21 -12.84 7.31
CA VAL C 9 7.04 -13.25 6.54
C VAL C 9 7.34 -14.47 5.64
N GLU C 10 6.34 -15.34 5.49
CA GLU C 10 6.52 -16.60 4.78
C GLU C 10 6.54 -16.39 3.29
N ASP C 11 7.48 -17.04 2.62
CA ASP C 11 7.48 -17.10 1.17
C ASP C 11 6.51 -18.20 0.72
N VAL C 12 5.25 -17.84 0.59
CA VAL C 12 4.22 -18.81 0.25
C VAL C 12 4.40 -19.34 -1.15
N GLU C 13 4.83 -18.48 -2.07
CA GLU C 13 4.97 -18.92 -3.46
C GLU C 13 6.13 -19.95 -3.59
N ARG C 14 7.20 -19.72 -2.84
CA ARG C 14 8.32 -20.66 -2.82
C ARG C 14 7.91 -22.00 -2.22
N LYS C 15 7.21 -22.00 -1.10
CA LYS C 15 6.71 -23.25 -0.51
C LYS C 15 5.67 -23.92 -1.43
N ARG C 16 4.89 -23.15 -2.20
CA ARG C 16 3.92 -23.76 -3.13
C ARG C 16 4.68 -24.50 -4.21
N GLU C 17 5.81 -23.94 -4.61
CA GLU C 17 6.72 -24.58 -5.57
C GLU C 17 7.72 -25.54 -4.90
N PHE C 18 7.24 -26.35 -3.96
CA PHE C 18 8.07 -27.38 -3.29
C PHE C 18 7.18 -28.54 -2.81
N ASP D 1 2.51 24.70 4.68
CA ASP D 1 3.85 24.47 5.27
C ASP D 1 4.25 23.02 5.10
N ILE D 2 5.23 22.59 5.89
CA ILE D 2 5.86 21.30 5.69
C ILE D 2 4.90 20.17 6.03
N ASN D 3 3.88 20.48 6.84
CA ASN D 3 2.82 19.50 7.16
C ASN D 3 1.49 19.81 6.51
N ASN D 4 1.54 20.46 5.33
CA ASN D 4 0.36 20.77 4.53
C ASN D 4 -0.65 21.70 5.23
N ASN D 5 -0.15 22.49 6.17
CA ASN D 5 -0.98 23.43 6.95
C ASN D 5 -0.78 24.84 6.51
N ASN D 6 -1.72 25.71 6.93
CA ASN D 6 -1.63 27.13 6.61
C ASN D 6 -2.10 28.02 7.75
N ASN D 7 -1.85 29.32 7.60
CA ASN D 7 -2.15 30.33 8.62
C ASN D 7 -3.52 30.96 8.49
N ILE D 8 -4.19 30.61 7.40
CA ILE D 8 -5.47 31.19 7.10
C ILE D 8 -6.62 30.64 7.92
N VAL D 9 -6.64 29.33 8.08
CA VAL D 9 -7.65 28.64 8.84
C VAL D 9 -7.48 28.95 10.31
N GLU D 10 -8.59 28.94 11.03
CA GLU D 10 -8.58 29.22 12.47
C GLU D 10 -8.10 28.02 13.27
N ASP D 11 -7.24 28.27 14.25
CA ASP D 11 -6.87 27.28 15.26
C ASP D 11 -7.93 27.29 16.33
N VAL D 12 -9.00 26.56 16.08
CA VAL D 12 -10.14 26.51 16.97
C VAL D 12 -9.76 25.93 18.31
N GLU D 13 -8.91 24.92 18.31
CA GLU D 13 -8.58 24.22 19.56
C GLU D 13 -7.80 25.13 20.48
N ARG D 14 -6.96 25.96 19.89
CA ARG D 14 -6.20 26.95 20.65
C ARG D 14 -7.14 28.03 21.26
N LYS D 15 -8.07 28.56 20.46
CA LYS D 15 -9.03 29.55 20.96
C LYS D 15 -10.06 28.83 21.80
#